data_4MDJ
#
_entry.id   4MDJ
#
_cell.length_a   66.442
_cell.length_b   182.445
_cell.length_c   77.808
_cell.angle_alpha   90.00
_cell.angle_beta   90.00
_cell.angle_gamma   90.00
#
_symmetry.space_group_name_H-M   'C 2 2 21'
#
loop_
_entity.id
_entity.type
_entity.pdbx_description
1 polymer 'HLA class II histocompatibility antigen, DR alpha chain'
2 polymer 'HLA class II histocompatibility antigen, DRB1-4 beta chain'
3 polymer Vimentin
4 branched 2-acetamido-2-deoxy-beta-D-glucopyranose-(1-4)-2-acetamido-2-deoxy-beta-D-glucopyranose
5 non-polymer 2-acetamido-2-deoxy-beta-D-glucopyranose
6 non-polymer 1,2-ETHANEDIOL
7 water water
#
loop_
_entity_poly.entity_id
_entity_poly.type
_entity_poly.pdbx_seq_one_letter_code
_entity_poly.pdbx_strand_id
1 'polypeptide(L)'
;IKEEHVIIQAEFYLNPDQSGEFMFDFDGDEIFHVDMAKKETVWRLEEFGRFASFEAQGALANIAVDKANLEIMTKRSNYT
PITNVPPEVTVLTNSPVELREPNVLICFIDKFTPPVVNVTWLRNGKPVTTGVSETVFLPREDHLFRKFHYLPFLPSTEDV
YDCRVEHWGLDEPLLKHWEFDTSGDDDDK
;
A
2 'polypeptide(L)'
;GSGDTRPRFLEQVKHECHFFNGTERVRFLDRYFYHQEEYVRFDSDVGEYRAVTELGRPDAEYWNSQKDILEDERAAVDTY
CRHNYGVVESFTVQRRVYPEVTVYPAKTQPLQHHNLLVCSVNGFYPGSIEVRWFRNGQEEKTGVVSTGLIQNGDWTFQTL
VMLETVPRSGEVYTCQVEHPSLTSPLTVEWRATGGDDDDK
;
B
3 'polypeptide(L)' SAVRLRSSVPGVR C
#
# COMPACT_ATOMS: atom_id res chain seq x y z
N GLU A 3 -7.80 12.39 9.62
CA GLU A 3 -7.11 13.51 9.00
C GLU A 3 -7.54 13.69 7.55
N GLU A 4 -6.64 14.26 6.75
CA GLU A 4 -6.90 14.49 5.33
C GLU A 4 -5.85 13.77 4.48
N HIS A 5 -4.59 13.87 4.89
CA HIS A 5 -3.51 13.13 4.24
C HIS A 5 -2.44 12.74 5.22
N VAL A 6 -1.73 11.65 4.92
CA VAL A 6 -0.63 11.20 5.76
C VAL A 6 0.57 10.87 4.88
N ILE A 7 1.72 11.45 5.21
CA ILE A 7 2.96 11.10 4.53
C ILE A 7 3.85 10.38 5.53
N ILE A 8 4.35 9.20 5.16
CA ILE A 8 5.19 8.43 6.07
C ILE A 8 6.52 8.06 5.43
N GLN A 9 7.61 8.35 6.14
CA GLN A 9 8.90 7.82 5.77
C GLN A 9 9.10 6.54 6.57
N ALA A 10 9.05 5.40 5.89
CA ALA A 10 9.10 4.10 6.56
C ALA A 10 10.41 3.39 6.28
N GLU A 11 11.02 2.85 7.33
CA GLU A 11 12.31 2.22 7.25
C GLU A 11 12.23 0.87 7.94
N PHE A 12 13.03 -0.07 7.47
CA PHE A 12 13.24 -1.28 8.27
C PHE A 12 14.65 -1.84 8.09
N TYR A 13 15.08 -2.59 9.09
CA TYR A 13 16.28 -3.38 8.96
C TYR A 13 16.01 -4.76 9.56
N LEU A 14 16.42 -5.79 8.84
CA LEU A 14 16.12 -7.17 9.22
C LEU A 14 17.38 -8.00 9.35
N ASN A 15 17.55 -8.63 10.50
CA ASN A 15 18.63 -9.61 10.72
C ASN A 15 18.03 -11.01 10.71
N PRO A 16 18.80 -12.03 10.29
CA PRO A 16 20.20 -12.00 9.86
C PRO A 16 20.35 -11.71 8.37
N ASP A 17 19.25 -11.43 7.70
CA ASP A 17 19.27 -11.22 6.25
C ASP A 17 20.09 -9.99 5.85
N GLN A 18 20.23 -9.06 6.79
CA GLN A 18 20.90 -7.78 6.55
C GLN A 18 20.19 -6.98 5.45
N SER A 19 18.86 -7.06 5.44
CA SER A 19 18.06 -6.31 4.49
C SER A 19 17.59 -5.01 5.13
N GLY A 20 17.80 -3.91 4.43
CA GLY A 20 17.28 -2.62 4.85
C GLY A 20 16.48 -1.99 3.73
N GLU A 21 15.43 -1.24 4.07
CA GLU A 21 14.59 -0.56 3.09
CA GLU A 21 14.66 -0.54 3.06
C GLU A 21 14.26 0.85 3.57
N PHE A 22 14.07 1.77 2.63
CA PHE A 22 13.76 3.15 2.96
C PHE A 22 12.77 3.63 1.91
N MET A 23 11.61 4.08 2.35
CA MET A 23 10.59 4.53 1.39
C MET A 23 9.71 5.62 1.96
N PHE A 24 9.05 6.37 1.07
CA PHE A 24 8.03 7.32 1.45
C PHE A 24 6.69 6.85 0.93
N ASP A 25 5.66 7.00 1.78
CA ASP A 25 4.29 6.60 1.48
C ASP A 25 3.37 7.82 1.59
N PHE A 26 2.42 7.94 0.67
CA PHE A 26 1.39 8.97 0.71
C PHE A 26 0.05 8.27 0.65
N ASP A 27 -0.72 8.35 1.74
CA ASP A 27 -2.06 7.74 1.81
C ASP A 27 -2.10 6.29 1.34
N GLY A 28 -1.04 5.53 1.63
CA GLY A 28 -1.01 4.13 1.27
C GLY A 28 -0.38 3.78 -0.06
N ASP A 29 0.03 4.79 -0.83
CA ASP A 29 0.78 4.54 -2.05
C ASP A 29 2.22 4.98 -1.89
N GLU A 30 3.12 4.28 -2.56
CA GLU A 30 4.55 4.58 -2.49
C GLU A 30 4.92 5.79 -3.34
N ILE A 31 5.59 6.78 -2.76
CA ILE A 31 6.08 7.90 -3.56
C ILE A 31 7.39 7.48 -4.22
N PHE A 32 8.30 6.98 -3.40
CA PHE A 32 9.58 6.47 -3.89
C PHE A 32 10.21 5.56 -2.86
N HIS A 33 11.22 4.81 -3.28
CA HIS A 33 12.10 4.12 -2.34
C HIS A 33 13.52 4.33 -2.81
N VAL A 34 14.48 3.99 -1.96
CA VAL A 34 15.88 4.06 -2.36
C VAL A 34 16.42 2.66 -2.63
N ASP A 35 16.98 2.48 -3.83
CA ASP A 35 17.73 1.28 -4.15
C ASP A 35 19.04 1.39 -3.37
N MET A 36 19.15 0.64 -2.27
CA MET A 36 20.25 0.80 -1.34
C MET A 36 21.60 0.36 -1.92
N ALA A 37 21.56 -0.61 -2.84
CA ALA A 37 22.78 -1.10 -3.47
C ALA A 37 23.33 -0.07 -4.47
N LYS A 38 22.45 0.44 -5.33
CA LYS A 38 22.86 1.39 -6.36
C LYS A 38 22.93 2.83 -5.83
N LYS A 39 22.37 3.04 -4.65
CA LYS A 39 22.27 4.38 -4.06
C LYS A 39 21.53 5.32 -5.00
N GLU A 40 20.37 4.86 -5.46
CA GLU A 40 19.55 5.65 -6.38
C GLU A 40 18.13 5.78 -5.86
N THR A 41 17.54 6.96 -6.09
CA THR A 41 16.14 7.18 -5.78
C THR A 41 15.28 6.62 -6.90
N VAL A 42 14.32 5.77 -6.53
CA VAL A 42 13.43 5.15 -7.51
C VAL A 42 12.00 5.64 -7.30
N TRP A 43 11.55 6.55 -8.15
CA TRP A 43 10.20 7.10 -8.05
C TRP A 43 9.20 6.07 -8.54
N ARG A 44 8.09 5.95 -7.81
CA ARG A 44 7.08 4.94 -8.15
C ARG A 44 6.43 5.18 -9.52
N LEU A 45 6.12 6.43 -9.80
CA LEU A 45 5.72 6.84 -11.13
C LEU A 45 6.81 7.75 -11.67
N GLU A 46 7.22 7.50 -12.91
CA GLU A 46 8.29 8.22 -13.56
C GLU A 46 8.12 9.75 -13.52
N GLU A 47 6.87 10.20 -13.63
CA GLU A 47 6.55 11.63 -13.63
CA GLU A 47 6.59 11.63 -13.64
C GLU A 47 6.98 12.32 -12.33
N PHE A 48 6.96 11.56 -11.23
CA PHE A 48 7.27 12.11 -9.91
C PHE A 48 8.66 12.77 -9.88
N GLY A 49 9.61 12.16 -10.58
CA GLY A 49 10.99 12.59 -10.54
C GLY A 49 11.26 13.86 -11.34
N ARG A 50 10.29 14.27 -12.14
CA ARG A 50 10.41 15.51 -12.89
C ARG A 50 9.99 16.70 -12.04
N PHE A 51 9.36 16.41 -10.91
CA PHE A 51 8.78 17.45 -10.06
C PHE A 51 9.51 17.58 -8.72
N ALA A 52 10.22 16.53 -8.33
CA ALA A 52 10.86 16.50 -7.03
C ALA A 52 12.17 15.73 -7.10
N SER A 53 13.01 15.90 -6.09
CA SER A 53 14.23 15.11 -6.01
C SER A 53 14.43 14.60 -4.59
N PHE A 54 15.29 13.58 -4.46
CA PHE A 54 15.71 13.11 -3.15
C PHE A 54 17.13 12.58 -3.24
N GLU A 55 17.98 13.04 -2.31
CA GLU A 55 19.37 12.58 -2.27
C GLU A 55 19.42 11.20 -1.66
N ALA A 56 19.59 10.19 -2.51
CA ALA A 56 19.55 8.79 -2.09
C ALA A 56 20.59 8.47 -1.02
N GLN A 57 21.77 9.07 -1.17
CA GLN A 57 22.88 8.90 -0.24
C GLN A 57 22.46 9.03 1.22
N GLY A 58 21.57 9.98 1.47
CA GLY A 58 21.10 10.25 2.82
C GLY A 58 20.43 9.08 3.51
N ALA A 59 19.77 8.22 2.74
CA ALA A 59 19.03 7.10 3.31
C ALA A 59 19.95 6.06 3.95
N LEU A 60 21.16 5.94 3.44
CA LEU A 60 22.09 4.94 3.95
C LEU A 60 22.42 5.18 5.43
N ALA A 61 22.54 6.44 5.80
CA ALA A 61 22.82 6.81 7.20
C ALA A 61 21.71 6.33 8.14
N ASN A 62 20.45 6.54 7.74
CA ASN A 62 19.32 6.09 8.54
C ASN A 62 19.31 4.59 8.73
N ILE A 63 19.54 3.85 7.66
CA ILE A 63 19.55 2.40 7.72
C ILE A 63 20.66 1.92 8.64
N ALA A 64 21.81 2.59 8.61
CA ALA A 64 22.91 2.22 9.49
C ALA A 64 22.54 2.42 10.96
N VAL A 65 21.80 3.48 11.25
CA VAL A 65 21.30 3.70 12.60
C VAL A 65 20.29 2.62 12.99
N ASP A 66 19.43 2.25 12.04
CA ASP A 66 18.40 1.25 12.29
C ASP A 66 19.05 -0.12 12.57
N LYS A 67 20.14 -0.40 11.88
CA LYS A 67 20.91 -1.62 12.12
C LYS A 67 21.47 -1.61 13.54
N ALA A 68 22.06 -0.49 13.94
CA ALA A 68 22.62 -0.37 15.28
C ALA A 68 21.53 -0.46 16.33
N ASN A 69 20.38 0.15 16.05
CA ASN A 69 19.27 0.11 16.98
C ASN A 69 18.69 -1.30 17.09
N LEU A 70 18.65 -2.03 15.98
CA LEU A 70 18.17 -3.40 15.99
C LEU A 70 19.02 -4.26 16.92
N GLU A 71 20.34 -4.06 16.90
CA GLU A 71 21.21 -4.82 17.78
CA GLU A 71 21.24 -4.79 17.79
C GLU A 71 20.90 -4.51 19.25
N ILE A 72 20.64 -3.24 19.53
CA ILE A 72 20.28 -2.81 20.89
C ILE A 72 18.97 -3.44 21.34
N MET A 73 17.95 -3.38 20.47
CA MET A 73 16.62 -3.87 20.82
C MET A 73 16.57 -5.39 20.91
N THR A 74 17.35 -6.06 20.05
CA THR A 74 17.43 -7.51 20.10
C THR A 74 17.91 -7.96 21.48
N LYS A 75 18.97 -7.32 21.99
CA LYS A 75 19.47 -7.61 23.33
C LYS A 75 18.46 -7.27 24.44
N ARG A 76 17.81 -6.12 24.33
CA ARG A 76 16.82 -5.71 25.33
C ARG A 76 15.70 -6.73 25.46
N SER A 77 15.36 -7.36 24.34
CA SER A 77 14.26 -8.33 24.30
C SER A 77 14.71 -9.73 24.72
N ASN A 78 15.97 -9.87 25.09
CA ASN A 78 16.57 -11.19 25.33
C ASN A 78 16.45 -12.09 24.10
N TYR A 79 16.71 -11.51 22.94
CA TYR A 79 16.74 -12.24 21.67
C TYR A 79 15.41 -12.90 21.35
N THR A 80 14.33 -12.19 21.61
CA THR A 80 13.00 -12.65 21.24
C THR A 80 12.80 -12.43 19.74
N PRO A 81 12.63 -13.51 18.98
CA PRO A 81 12.52 -13.38 17.52
C PRO A 81 11.12 -13.03 17.06
N ILE A 82 11.00 -12.63 15.80
CA ILE A 82 9.72 -12.27 15.24
C ILE A 82 8.90 -13.54 15.02
N THR A 83 7.59 -13.43 15.17
CA THR A 83 6.69 -14.53 14.83
C THR A 83 6.29 -14.37 13.37
N ASN A 84 6.45 -15.43 12.57
CA ASN A 84 6.04 -15.37 11.17
C ASN A 84 4.54 -15.24 11.06
N VAL A 85 4.10 -14.30 10.21
CA VAL A 85 2.69 -14.13 9.88
C VAL A 85 2.59 -14.33 8.38
N PRO A 86 1.97 -15.44 7.95
CA PRO A 86 1.94 -15.74 6.52
C PRO A 86 1.01 -14.79 5.77
N PRO A 87 1.28 -14.57 4.47
CA PRO A 87 0.50 -13.60 3.70
C PRO A 87 -0.86 -14.11 3.23
N GLU A 88 -1.77 -13.16 3.01
CA GLU A 88 -2.97 -13.40 2.24
C GLU A 88 -2.60 -13.03 0.82
N VAL A 89 -3.01 -13.85 -0.14
CA VAL A 89 -2.61 -13.62 -1.52
C VAL A 89 -3.84 -13.58 -2.41
N THR A 90 -3.92 -12.57 -3.28
CA THR A 90 -5.03 -12.40 -4.19
CA THR A 90 -5.03 -12.45 -4.20
C THR A 90 -4.51 -12.11 -5.60
N VAL A 91 -5.14 -12.71 -6.61
CA VAL A 91 -4.81 -12.40 -7.99
C VAL A 91 -6.01 -11.77 -8.66
N LEU A 92 -5.79 -10.62 -9.29
CA LEU A 92 -6.85 -9.91 -10.00
C LEU A 92 -6.26 -9.29 -11.26
N THR A 93 -7.12 -8.88 -12.17
CA THR A 93 -6.65 -8.12 -13.31
C THR A 93 -6.91 -6.64 -13.03
N ASN A 94 -6.23 -5.76 -13.75
CA ASN A 94 -6.45 -4.35 -13.46
C ASN A 94 -7.62 -3.77 -14.24
N SER A 95 -8.10 -4.51 -15.22
CA SER A 95 -9.26 -4.09 -16.00
C SER A 95 -10.08 -5.31 -16.43
N PRO A 96 -11.36 -5.10 -16.80
CA PRO A 96 -12.19 -6.22 -17.27
C PRO A 96 -11.52 -6.96 -18.42
N VAL A 97 -11.57 -8.28 -18.37
CA VAL A 97 -10.85 -9.09 -19.34
C VAL A 97 -11.62 -9.27 -20.64
N GLU A 98 -10.94 -9.01 -21.76
CA GLU A 98 -11.47 -9.33 -23.08
C GLU A 98 -10.39 -10.07 -23.85
N LEU A 99 -10.78 -11.11 -24.57
CA LEU A 99 -9.84 -11.91 -25.34
C LEU A 99 -8.99 -11.04 -26.27
N ARG A 100 -7.69 -11.29 -26.26
CA ARG A 100 -6.74 -10.63 -27.16
C ARG A 100 -6.61 -9.12 -26.95
N GLU A 101 -7.10 -8.62 -25.83
CA GLU A 101 -6.90 -7.22 -25.46
C GLU A 101 -5.95 -7.17 -24.26
N PRO A 102 -4.77 -6.55 -24.45
CA PRO A 102 -3.74 -6.49 -23.41
C PRO A 102 -4.29 -6.08 -22.05
N ASN A 103 -3.86 -6.79 -21.02
CA ASN A 103 -4.30 -6.56 -19.66
C ASN A 103 -3.11 -6.78 -18.74
N VAL A 104 -3.32 -6.68 -17.44
CA VAL A 104 -2.25 -6.91 -16.48
C VAL A 104 -2.77 -7.74 -15.31
N LEU A 105 -2.05 -8.82 -14.99
CA LEU A 105 -2.34 -9.59 -13.79
C LEU A 105 -1.64 -8.96 -12.60
N ILE A 106 -2.37 -8.81 -11.50
CA ILE A 106 -1.80 -8.27 -10.27
C ILE A 106 -1.83 -9.35 -9.20
N CYS A 107 -0.68 -9.63 -8.61
CA CYS A 107 -0.63 -10.52 -7.47
C CYS A 107 -0.43 -9.66 -6.23
N PHE A 108 -1.43 -9.66 -5.35
CA PHE A 108 -1.38 -8.83 -4.15
C PHE A 108 -1.01 -9.70 -2.96
N ILE A 109 0.11 -9.39 -2.33
CA ILE A 109 0.59 -10.18 -1.19
C ILE A 109 0.49 -9.30 0.04
N ASP A 110 -0.33 -9.71 1.00
CA ASP A 110 -0.78 -8.78 2.04
C ASP A 110 -0.67 -9.36 3.44
N LYS A 111 -0.53 -8.46 4.41
CA LYS A 111 -0.63 -8.79 5.83
C LYS A 111 0.38 -9.83 6.29
N PHE A 112 1.66 -9.60 5.99
CA PHE A 112 2.67 -10.58 6.33
C PHE A 112 3.91 -9.97 6.97
N THR A 113 4.67 -10.81 7.68
CA THR A 113 5.98 -10.43 8.22
C THR A 113 6.71 -11.73 8.59
N PRO A 114 8.05 -11.73 8.53
CA PRO A 114 8.97 -10.66 8.16
C PRO A 114 8.90 -10.34 6.65
N PRO A 115 9.47 -9.20 6.25
CA PRO A 115 9.43 -8.77 4.84
C PRO A 115 10.44 -9.51 3.97
N VAL A 116 10.19 -10.79 3.78
CA VAL A 116 10.97 -11.63 2.87
C VAL A 116 9.98 -12.57 2.19
N VAL A 117 10.01 -12.60 0.86
CA VAL A 117 9.12 -13.46 0.10
CA VAL A 117 9.13 -13.49 0.09
C VAL A 117 9.78 -13.89 -1.22
N ASN A 118 9.40 -15.07 -1.71
CA ASN A 118 9.76 -15.50 -3.06
C ASN A 118 8.46 -15.55 -3.85
N VAL A 119 8.38 -14.77 -4.92
CA VAL A 119 7.15 -14.71 -5.72
C VAL A 119 7.46 -15.07 -7.16
N THR A 120 6.70 -16.01 -7.71
CA THR A 120 6.88 -16.43 -9.10
C THR A 120 5.56 -16.41 -9.85
N TRP A 121 5.56 -15.82 -11.03
CA TRP A 121 4.45 -15.97 -11.96
C TRP A 121 4.61 -17.27 -12.75
N LEU A 122 3.53 -18.03 -12.84
CA LEU A 122 3.54 -19.25 -13.62
C LEU A 122 2.51 -19.15 -14.73
N ARG A 123 2.90 -19.49 -15.95
CA ARG A 123 1.97 -19.58 -17.06
C ARG A 123 2.00 -21.02 -17.53
N ASN A 124 0.85 -21.68 -17.45
CA ASN A 124 0.76 -23.11 -17.77
C ASN A 124 1.80 -23.94 -17.01
N GLY A 125 2.02 -23.56 -15.76
CA GLY A 125 2.90 -24.30 -14.87
C GLY A 125 4.38 -24.00 -15.02
N LYS A 126 4.72 -23.03 -15.86
CA LYS A 126 6.12 -22.66 -16.11
C LYS A 126 6.39 -21.21 -15.70
N PRO A 127 7.56 -20.97 -15.09
CA PRO A 127 7.89 -19.62 -14.62
C PRO A 127 7.97 -18.62 -15.76
N VAL A 128 7.45 -17.42 -15.51
CA VAL A 128 7.49 -16.32 -16.46
C VAL A 128 8.35 -15.20 -15.88
N THR A 129 9.23 -14.63 -16.70
CA THR A 129 10.04 -13.50 -16.25
C THR A 129 9.94 -12.31 -17.21
N THR A 130 9.42 -12.56 -18.40
CA THR A 130 9.32 -11.50 -19.41
C THR A 130 8.20 -10.52 -19.10
N GLY A 131 8.58 -9.25 -18.92
CA GLY A 131 7.62 -8.19 -18.73
C GLY A 131 7.21 -7.96 -17.29
N VAL A 132 7.64 -8.83 -16.39
CA VAL A 132 7.19 -8.74 -15.00
C VAL A 132 7.82 -7.60 -14.23
N SER A 133 7.14 -7.14 -13.20
CA SER A 133 7.63 -6.10 -12.32
C SER A 133 7.07 -6.28 -10.92
N GLU A 134 7.59 -5.54 -9.96
CA GLU A 134 7.16 -5.70 -8.59
C GLU A 134 7.45 -4.45 -7.78
N THR A 135 6.80 -4.33 -6.63
CA THR A 135 7.06 -3.24 -5.72
C THR A 135 7.97 -3.75 -4.62
N VAL A 136 8.53 -2.82 -3.86
CA VAL A 136 9.25 -3.19 -2.64
C VAL A 136 8.21 -3.53 -1.57
N PHE A 137 8.66 -3.81 -0.35
CA PHE A 137 7.74 -4.13 0.73
C PHE A 137 7.11 -2.85 1.26
N LEU A 138 5.78 -2.82 1.30
CA LEU A 138 5.07 -1.60 1.63
C LEU A 138 4.48 -1.71 3.03
N PRO A 139 4.50 -0.59 3.79
CA PRO A 139 4.06 -0.64 5.19
C PRO A 139 2.55 -0.68 5.35
N ARG A 140 2.10 -1.38 6.38
CA ARG A 140 0.69 -1.38 6.77
C ARG A 140 0.58 -0.69 8.12
N GLU A 141 -0.60 -0.18 8.43
CA GLU A 141 -0.84 0.49 9.70
C GLU A 141 -0.77 -0.44 10.91
N ASP A 142 -0.87 -1.74 10.68
CA ASP A 142 -0.66 -2.71 11.75
C ASP A 142 0.80 -3.19 11.82
N HIS A 143 1.65 -2.58 11.00
CA HIS A 143 3.10 -2.80 11.00
C HIS A 143 3.54 -4.14 10.44
N LEU A 144 2.61 -4.81 9.77
CA LEU A 144 2.94 -5.90 8.85
C LEU A 144 3.26 -5.27 7.49
N PHE A 145 3.37 -6.08 6.45
CA PHE A 145 3.76 -5.58 5.14
C PHE A 145 2.82 -6.05 4.03
N ARG A 146 2.90 -5.37 2.89
CA ARG A 146 2.25 -5.83 1.69
C ARG A 146 3.16 -5.58 0.49
N LYS A 147 2.78 -6.13 -0.66
CA LYS A 147 3.65 -6.14 -1.83
C LYS A 147 2.82 -6.47 -3.05
N PHE A 148 3.18 -5.91 -4.20
CA PHE A 148 2.48 -6.19 -5.45
C PHE A 148 3.44 -6.73 -6.49
N HIS A 149 3.00 -7.73 -7.26
CA HIS A 149 3.73 -8.18 -8.43
C HIS A 149 2.84 -8.07 -9.66
N TYR A 150 3.43 -7.78 -10.82
CA TYR A 150 2.65 -7.50 -12.02
C TYR A 150 3.08 -8.33 -13.22
N LEU A 151 2.10 -8.75 -14.01
CA LEU A 151 2.38 -9.47 -15.25
C LEU A 151 1.46 -9.02 -16.37
N PRO A 152 1.99 -8.22 -17.30
CA PRO A 152 1.22 -7.84 -18.49
C PRO A 152 0.96 -9.09 -19.33
N PHE A 153 -0.22 -9.21 -19.92
CA PHE A 153 -0.54 -10.42 -20.67
C PHE A 153 -1.64 -10.21 -21.71
N LEU A 154 -1.67 -11.11 -22.68
CA LEU A 154 -2.72 -11.14 -23.69
C LEU A 154 -3.68 -12.27 -23.33
N PRO A 155 -4.88 -11.92 -22.85
CA PRO A 155 -5.88 -12.91 -22.44
C PRO A 155 -6.21 -13.90 -23.55
N SER A 156 -6.22 -15.18 -23.20
CA SER A 156 -6.52 -16.23 -24.16
C SER A 156 -7.17 -17.40 -23.44
N THR A 157 -7.90 -18.21 -24.19
CA THR A 157 -8.56 -19.38 -23.62
C THR A 157 -7.55 -20.51 -23.38
N GLU A 158 -6.36 -20.38 -23.95
CA GLU A 158 -5.38 -21.46 -23.89
C GLU A 158 -4.41 -21.39 -22.70
N ASP A 159 -4.29 -20.22 -22.09
CA ASP A 159 -3.33 -20.03 -21.00
C ASP A 159 -3.99 -19.98 -19.62
N VAL A 160 -3.33 -20.59 -18.63
CA VAL A 160 -3.73 -20.40 -17.25
C VAL A 160 -2.55 -19.82 -16.47
N TYR A 161 -2.85 -19.08 -15.41
CA TYR A 161 -1.80 -18.43 -14.64
C TYR A 161 -1.89 -18.76 -13.16
N ASP A 162 -0.76 -18.68 -12.49
CA ASP A 162 -0.70 -18.77 -11.05
C ASP A 162 0.35 -17.80 -10.54
N CYS A 163 0.05 -17.16 -9.41
CA CYS A 163 1.05 -16.46 -8.65
C CYS A 163 1.45 -17.37 -7.51
N ARG A 164 2.73 -17.74 -7.46
CA ARG A 164 3.21 -18.63 -6.41
C ARG A 164 3.99 -17.83 -5.38
N VAL A 165 3.59 -17.95 -4.12
CA VAL A 165 4.19 -17.17 -3.05
C VAL A 165 4.80 -18.08 -1.99
N GLU A 166 6.08 -17.87 -1.68
CA GLU A 166 6.75 -18.62 -0.63
C GLU A 166 7.10 -17.68 0.53
N HIS A 167 6.77 -18.09 1.75
CA HIS A 167 7.02 -17.29 2.94
C HIS A 167 7.25 -18.24 4.11
N TRP A 168 8.11 -17.86 5.05
CA TRP A 168 8.45 -18.75 6.16
C TRP A 168 7.25 -19.08 7.05
N GLY A 169 6.20 -18.28 6.96
CA GLY A 169 4.99 -18.51 7.73
C GLY A 169 4.07 -19.54 7.09
N LEU A 170 4.37 -19.91 5.85
CA LEU A 170 3.57 -20.90 5.12
C LEU A 170 4.21 -22.29 5.23
N ASP A 171 3.36 -23.31 5.34
CA ASP A 171 3.86 -24.68 5.40
C ASP A 171 4.25 -25.19 4.01
N GLU A 172 3.66 -24.58 2.99
CA GLU A 172 3.98 -24.90 1.61
C GLU A 172 3.68 -23.66 0.77
N PRO A 173 4.23 -23.58 -0.45
CA PRO A 173 3.96 -22.40 -1.26
C PRO A 173 2.48 -22.23 -1.56
N LEU A 174 2.04 -20.98 -1.57
CA LEU A 174 0.66 -20.65 -1.82
C LEU A 174 0.52 -20.32 -3.29
N LEU A 175 -0.37 -21.01 -3.99
CA LEU A 175 -0.65 -20.68 -5.39
C LEU A 175 -2.05 -20.12 -5.58
N LYS A 176 -2.13 -18.95 -6.18
CA LYS A 176 -3.41 -18.34 -6.49
C LYS A 176 -3.60 -18.33 -7.99
N HIS A 177 -4.72 -18.90 -8.43
CA HIS A 177 -4.94 -19.23 -9.83
C HIS A 177 -5.70 -18.13 -10.55
N TRP A 178 -5.47 -18.01 -11.85
CA TRP A 178 -6.33 -17.19 -12.70
C TRP A 178 -6.42 -17.82 -14.09
N GLU A 179 -7.64 -17.86 -14.63
CA GLU A 179 -7.83 -18.23 -16.02
C GLU A 179 -9.05 -17.52 -16.59
N PHE A 180 -9.11 -17.42 -17.91
CA PHE A 180 -10.17 -16.69 -18.58
C PHE A 180 -11.57 -17.25 -18.27
N ASP A 181 -12.51 -16.32 -18.11
CA ASP A 181 -13.95 -16.54 -17.79
C ASP A 181 -14.29 -16.27 -16.32
N ASP B 4 15.25 -22.24 5.49
CA ASP B 4 15.90 -21.35 6.45
C ASP B 4 15.02 -21.15 7.67
N THR B 5 15.43 -21.74 8.79
CA THR B 5 14.66 -21.65 10.02
C THR B 5 15.31 -20.76 11.08
N ARG B 6 16.35 -20.03 10.69
CA ARG B 6 17.01 -19.10 11.62
C ARG B 6 16.03 -18.03 12.09
N PRO B 7 16.12 -17.68 13.38
CA PRO B 7 15.22 -16.63 13.89
C PRO B 7 15.51 -15.30 13.23
N ARG B 8 14.45 -14.52 12.99
CA ARG B 8 14.60 -13.18 12.42
C ARG B 8 14.31 -12.12 13.46
N PHE B 9 14.92 -10.95 13.28
CA PHE B 9 14.74 -9.82 14.18
C PHE B 9 14.56 -8.57 13.33
N LEU B 10 13.53 -7.79 13.63
CA LEU B 10 13.14 -6.68 12.77
C LEU B 10 13.04 -5.36 13.53
N GLU B 11 13.67 -4.33 12.97
CA GLU B 11 13.52 -2.97 13.48
C GLU B 11 12.80 -2.16 12.42
N GLN B 12 11.78 -1.41 12.81
CA GLN B 12 11.11 -0.49 11.90
C GLN B 12 11.11 0.92 12.47
N VAL B 13 11.14 1.91 11.59
CA VAL B 13 10.93 3.29 12.00
C VAL B 13 9.91 3.91 11.07
N LYS B 14 8.95 4.62 11.63
CA LYS B 14 7.99 5.36 10.81
C LYS B 14 7.96 6.81 11.28
N HIS B 15 8.32 7.72 10.39
CA HIS B 15 8.28 9.14 10.68
C HIS B 15 7.04 9.65 9.96
N GLU B 16 5.99 9.97 10.71
CA GLU B 16 4.68 10.24 10.12
C GLU B 16 4.30 11.71 10.18
N CYS B 17 3.79 12.24 9.08
CA CYS B 17 3.24 13.58 9.03
C CYS B 17 1.76 13.49 8.71
N HIS B 18 0.94 13.97 9.63
CA HIS B 18 -0.51 13.97 9.46
C HIS B 18 -1.02 15.39 9.19
N PHE B 19 -1.72 15.55 8.07
CA PHE B 19 -2.19 16.86 7.63
C PHE B 19 -3.71 16.99 7.70
N PHE B 20 -4.17 18.10 8.24
CA PHE B 20 -5.60 18.41 8.33
C PHE B 20 -5.81 19.79 7.70
N ASN B 21 -6.76 19.90 6.78
CA ASN B 21 -7.05 21.18 6.14
C ASN B 21 -5.79 21.77 5.52
N GLY B 22 -5.23 21.06 4.56
CA GLY B 22 -3.95 21.44 3.98
C GLY B 22 -2.84 21.33 5.01
N THR B 23 -2.10 22.42 5.18
CA THR B 23 -1.02 22.46 6.17
C THR B 23 -1.40 23.33 7.36
N GLU B 24 -2.69 23.61 7.51
CA GLU B 24 -3.18 24.45 8.60
C GLU B 24 -2.96 23.79 9.96
N ARG B 25 -3.22 22.49 10.02
CA ARG B 25 -2.98 21.69 11.20
C ARG B 25 -2.13 20.49 10.81
N VAL B 26 -1.01 20.32 11.51
CA VAL B 26 -0.08 19.23 11.20
C VAL B 26 0.38 18.56 12.48
N ARG B 27 0.41 17.24 12.45
CA ARG B 27 0.90 16.45 13.58
C ARG B 27 2.04 15.55 13.12
N PHE B 28 3.12 15.50 13.89
CA PHE B 28 4.26 14.69 13.54
C PHE B 28 4.47 13.59 14.59
N LEU B 29 4.68 12.36 14.11
CA LEU B 29 5.03 11.24 14.97
C LEU B 29 6.35 10.60 14.56
N ASP B 30 7.25 10.42 15.52
CA ASP B 30 8.52 9.74 15.30
C ASP B 30 8.35 8.39 16.02
N ARG B 31 8.17 7.31 15.27
CA ARG B 31 7.77 6.03 15.85
C ARG B 31 8.80 4.93 15.61
N TYR B 32 9.13 4.18 16.66
CA TYR B 32 10.13 3.10 16.59
C TYR B 32 9.52 1.77 16.99
N PHE B 33 9.82 0.72 16.23
CA PHE B 33 9.19 -0.59 16.41
C PHE B 33 10.22 -1.72 16.46
N TYR B 34 9.99 -2.68 17.34
CA TYR B 34 10.73 -3.92 17.33
C TYR B 34 9.74 -5.01 16.92
N HIS B 35 9.99 -5.66 15.78
CA HIS B 35 9.00 -6.48 15.09
C HIS B 35 7.77 -5.62 14.76
N GLN B 36 6.62 -5.91 15.37
CA GLN B 36 5.46 -5.04 15.17
CA GLN B 36 5.36 -5.16 15.23
C GLN B 36 5.17 -4.14 16.36
N GLU B 37 5.92 -4.32 17.44
CA GLU B 37 5.65 -3.61 18.69
CA GLU B 37 5.63 -3.61 18.68
C GLU B 37 6.26 -2.21 18.71
N GLU B 38 5.41 -1.19 18.73
CA GLU B 38 5.92 0.17 18.88
C GLU B 38 6.45 0.28 20.32
N TYR B 39 7.69 0.73 20.48
CA TYR B 39 8.25 0.80 21.84
C TYR B 39 8.52 2.21 22.35
N VAL B 40 8.69 3.15 21.44
CA VAL B 40 8.87 4.55 21.84
C VAL B 40 8.40 5.49 20.73
N ARG B 41 7.89 6.65 21.11
CA ARG B 41 7.30 7.55 20.14
C ARG B 41 7.46 9.01 20.56
N PHE B 42 7.75 9.88 19.59
CA PHE B 42 7.62 11.32 19.79
C PHE B 42 6.34 11.75 19.11
N ASP B 43 5.44 12.39 19.87
CA ASP B 43 4.21 12.93 19.33
C ASP B 43 4.28 14.44 19.47
N SER B 44 4.14 15.16 18.35
CA SER B 44 4.25 16.62 18.40
C SER B 44 3.18 17.28 19.28
N ASP B 45 2.09 16.57 19.53
CA ASP B 45 1.05 17.05 20.44
C ASP B 45 1.59 17.15 21.87
N VAL B 46 2.60 16.36 22.17
CA VAL B 46 3.21 16.31 23.50
C VAL B 46 4.51 17.10 23.54
N GLY B 47 5.42 16.81 22.61
CA GLY B 47 6.67 17.55 22.55
C GLY B 47 7.84 16.87 23.25
N GLU B 48 7.63 15.62 23.67
N GLU B 48 7.63 15.62 23.66
CA GLU B 48 8.70 14.81 24.22
CA GLU B 48 8.70 14.80 24.23
C GLU B 48 8.48 13.36 23.80
C GLU B 48 8.46 13.36 23.86
N TYR B 49 9.49 12.53 23.95
CA TYR B 49 9.33 11.11 23.69
C TYR B 49 8.60 10.45 24.85
N ARG B 50 7.82 9.42 24.54
CA ARG B 50 7.16 8.63 25.56
C ARG B 50 7.35 7.16 25.24
N ALA B 51 7.71 6.38 26.25
CA ALA B 51 7.83 4.94 26.08
C ALA B 51 6.44 4.38 25.86
N VAL B 52 6.28 3.57 24.82
CA VAL B 52 5.01 2.90 24.55
C VAL B 52 4.99 1.55 25.26
N THR B 53 6.14 0.89 25.32
CA THR B 53 6.30 -0.32 26.13
C THR B 53 7.55 -0.16 26.99
N GLU B 54 7.72 -1.07 27.95
CA GLU B 54 8.88 -1.05 28.85
C GLU B 54 10.19 -1.09 28.06
N LEU B 55 10.16 -1.75 26.90
CA LEU B 55 11.31 -1.84 26.01
C LEU B 55 11.85 -0.48 25.58
N GLY B 56 10.98 0.52 25.55
CA GLY B 56 11.37 1.84 25.07
C GLY B 56 11.76 2.83 26.15
N ARG B 57 11.64 2.43 27.41
CA ARG B 57 11.95 3.35 28.52
C ARG B 57 13.35 3.96 28.50
N PRO B 58 14.40 3.15 28.23
CA PRO B 58 15.73 3.78 28.21
C PRO B 58 15.87 4.86 27.14
N ASP B 59 15.24 4.66 25.99
CA ASP B 59 15.35 5.65 24.92
C ASP B 59 14.59 6.92 25.25
N ALA B 60 13.38 6.78 25.77
CA ALA B 60 12.58 7.96 26.12
C ALA B 60 13.34 8.80 27.13
N GLU B 61 13.92 8.14 28.12
CA GLU B 61 14.64 8.85 29.18
C GLU B 61 15.89 9.57 28.65
N TYR B 62 16.67 8.88 27.82
CA TYR B 62 17.89 9.50 27.31
C TYR B 62 17.61 10.59 26.29
N TRP B 63 16.72 10.31 25.34
CA TRP B 63 16.44 11.28 24.30
C TRP B 63 15.84 12.56 24.88
N ASN B 64 14.97 12.42 25.88
CA ASN B 64 14.36 13.59 26.52
C ASN B 64 15.36 14.44 27.31
N SER B 65 16.51 13.85 27.63
CA SER B 65 17.55 14.58 28.36
C SER B 65 18.41 15.43 27.43
N GLN B 66 18.19 15.27 26.12
CA GLN B 66 18.99 16.00 25.13
CA GLN B 66 18.99 16.02 25.15
C GLN B 66 18.16 17.09 24.47
N LYS B 67 18.36 18.34 24.88
CA LYS B 67 17.54 19.43 24.37
C LYS B 67 17.65 19.60 22.86
N ASP B 68 18.83 19.30 22.31
CA ASP B 68 19.01 19.35 20.86
C ASP B 68 18.11 18.36 20.11
N ILE B 69 17.99 17.15 20.64
CA ILE B 69 17.09 16.17 20.04
C ILE B 69 15.65 16.66 20.13
N LEU B 70 15.24 17.11 21.31
CA LEU B 70 13.87 17.59 21.49
C LEU B 70 13.52 18.74 20.55
N GLU B 71 14.38 19.75 20.46
CA GLU B 71 14.06 20.87 19.57
C GLU B 71 14.06 20.48 18.09
N ASP B 72 14.92 19.53 17.72
CA ASP B 72 14.94 19.01 16.36
C ASP B 72 13.60 18.35 16.04
N GLU B 73 13.10 17.56 16.98
CA GLU B 73 11.81 16.88 16.79
C GLU B 73 10.64 17.88 16.86
N ARG B 74 10.70 18.82 17.79
CA ARG B 74 9.62 19.81 17.95
C ARG B 74 9.44 20.70 16.72
N ALA B 75 10.51 20.86 15.93
CA ALA B 75 10.42 21.72 14.76
C ALA B 75 10.01 20.97 13.49
N ALA B 76 9.92 19.64 13.60
CA ALA B 76 9.72 18.78 12.44
C ALA B 76 8.41 19.05 11.71
N VAL B 77 7.36 19.44 12.44
CA VAL B 77 6.10 19.78 11.78
C VAL B 77 6.31 20.82 10.70
N ASP B 78 7.27 21.72 10.93
CA ASP B 78 7.59 22.77 9.97
C ASP B 78 8.67 22.37 8.98
N THR B 79 9.82 21.95 9.49
CA THR B 79 11.01 21.74 8.67
C THR B 79 10.95 20.44 7.86
N TYR B 80 10.07 19.53 8.27
CA TYR B 80 9.97 18.22 7.63
C TYR B 80 8.59 18.05 6.99
N CYS B 81 7.55 18.05 7.82
CA CYS B 81 6.18 17.83 7.33
C CYS B 81 5.71 18.92 6.36
N ARG B 82 5.67 20.17 6.80
CA ARG B 82 5.20 21.22 5.91
C ARG B 82 6.09 21.36 4.68
N HIS B 83 7.39 21.19 4.87
CA HIS B 83 8.32 21.28 3.74
C HIS B 83 8.01 20.22 2.69
N ASN B 84 7.96 18.96 3.12
CA ASN B 84 7.70 17.86 2.20
C ASN B 84 6.34 17.93 1.52
N TYR B 85 5.34 18.37 2.26
CA TYR B 85 4.00 18.53 1.71
C TYR B 85 4.08 19.49 0.51
N GLY B 86 4.81 20.58 0.68
CA GLY B 86 4.98 21.56 -0.37
C GLY B 86 5.68 20.99 -1.59
N VAL B 87 6.61 20.07 -1.35
CA VAL B 87 7.38 19.48 -2.44
C VAL B 87 6.51 18.52 -3.26
N VAL B 88 5.67 17.75 -2.59
CA VAL B 88 4.97 16.67 -3.28
C VAL B 88 3.49 16.92 -3.59
N GLU B 89 2.90 17.96 -3.02
CA GLU B 89 1.45 18.13 -3.10
C GLU B 89 0.87 18.17 -4.51
N SER B 90 1.63 18.73 -5.45
CA SER B 90 1.11 18.91 -6.82
C SER B 90 0.83 17.59 -7.54
N PHE B 91 1.55 16.53 -7.19
CA PHE B 91 1.36 15.25 -7.86
C PHE B 91 0.81 14.16 -6.94
N THR B 92 0.46 14.55 -5.72
CA THR B 92 -0.13 13.62 -4.76
C THR B 92 -1.50 14.13 -4.30
N VAL B 93 -1.48 15.16 -3.45
CA VAL B 93 -2.69 15.82 -2.97
C VAL B 93 -3.60 16.24 -4.12
N GLN B 94 -3.00 16.78 -5.18
CA GLN B 94 -3.77 17.27 -6.31
C GLN B 94 -4.04 16.21 -7.39
N ARG B 95 -3.54 15.00 -7.19
CA ARG B 95 -3.73 13.93 -8.19
C ARG B 95 -5.21 13.55 -8.35
N ARG B 96 -5.68 13.58 -9.60
CA ARG B 96 -7.04 13.18 -9.93
C ARG B 96 -7.03 12.36 -11.20
N VAL B 97 -7.49 11.13 -11.12
CA VAL B 97 -7.58 10.26 -12.29
C VAL B 97 -9.01 9.72 -12.33
N TYR B 98 -9.72 9.96 -13.42
N TYR B 98 -9.67 9.91 -13.47
CA TYR B 98 -11.13 9.56 -13.46
CA TYR B 98 -11.03 9.46 -13.71
C TYR B 98 -11.31 8.08 -13.76
C TYR B 98 -11.16 7.94 -13.57
N PRO B 99 -12.34 7.46 -13.16
CA PRO B 99 -12.60 6.03 -13.30
C PRO B 99 -13.12 5.69 -14.69
N GLU B 100 -12.78 4.49 -15.17
CA GLU B 100 -13.42 3.90 -16.34
C GLU B 100 -14.50 2.98 -15.82
N VAL B 101 -15.71 3.10 -16.36
CA VAL B 101 -16.83 2.32 -15.85
C VAL B 101 -17.38 1.38 -16.91
N THR B 102 -17.52 0.11 -16.55
CA THR B 102 -18.04 -0.92 -17.45
C THR B 102 -19.15 -1.68 -16.75
N VAL B 103 -20.25 -1.95 -17.45
CA VAL B 103 -21.31 -2.76 -16.89
C VAL B 103 -21.52 -4.01 -17.74
N TYR B 104 -21.62 -5.16 -17.07
CA TYR B 104 -21.89 -6.39 -17.80
C TYR B 104 -22.63 -7.39 -16.91
N PRO B 105 -23.44 -8.26 -17.53
CA PRO B 105 -24.17 -9.25 -16.74
C PRO B 105 -23.29 -10.44 -16.38
N ALA B 106 -23.67 -11.18 -15.36
CA ALA B 106 -22.93 -12.36 -14.96
C ALA B 106 -23.86 -13.36 -14.30
N LYS B 107 -23.33 -14.53 -14.00
CA LYS B 107 -24.11 -15.57 -13.37
C LYS B 107 -23.34 -16.15 -12.19
N THR B 108 -24.04 -16.35 -11.09
CA THR B 108 -23.43 -16.91 -9.88
C THR B 108 -22.90 -18.32 -10.15
N GLN B 109 -23.67 -19.13 -10.85
CA GLN B 109 -23.25 -20.46 -11.27
C GLN B 109 -23.37 -20.56 -12.79
N PRO B 110 -22.45 -21.30 -13.43
CA PRO B 110 -22.24 -21.23 -14.89
C PRO B 110 -23.44 -21.54 -15.78
N LEU B 111 -24.37 -22.38 -15.35
CA LEU B 111 -25.48 -22.76 -16.22
C LEU B 111 -26.77 -22.01 -15.90
N GLN B 112 -26.70 -21.06 -14.99
CA GLN B 112 -27.86 -20.24 -14.66
C GLN B 112 -28.07 -19.18 -15.73
N HIS B 113 -29.28 -18.64 -15.81
CA HIS B 113 -29.52 -17.44 -16.58
C HIS B 113 -28.91 -16.30 -15.78
N HIS B 114 -28.61 -15.18 -16.44
CA HIS B 114 -28.03 -14.01 -15.77
C HIS B 114 -28.76 -13.69 -14.46
N ASN B 115 -28.01 -13.61 -13.37
CA ASN B 115 -28.59 -13.24 -12.07
C ASN B 115 -27.69 -12.28 -11.30
N LEU B 116 -26.76 -11.67 -12.02
CA LEU B 116 -25.93 -10.59 -11.48
C LEU B 116 -25.74 -9.53 -12.53
N LEU B 117 -25.63 -8.28 -12.09
CA LEU B 117 -25.14 -7.22 -12.95
C LEU B 117 -23.91 -6.67 -12.27
N VAL B 118 -22.83 -6.54 -13.03
CA VAL B 118 -21.56 -6.09 -12.49
C VAL B 118 -21.23 -4.68 -12.96
N CYS B 119 -20.94 -3.78 -12.02
CA CYS B 119 -20.40 -2.47 -12.37
C CYS B 119 -18.92 -2.45 -11.99
N SER B 120 -18.06 -2.46 -13.01
CA SER B 120 -16.62 -2.48 -12.79
C SER B 120 -16.10 -1.06 -12.93
N VAL B 121 -15.51 -0.54 -11.86
CA VAL B 121 -15.05 0.84 -11.83
C VAL B 121 -13.54 0.80 -11.66
N ASN B 122 -12.81 1.25 -12.68
CA ASN B 122 -11.37 0.98 -12.76
C ASN B 122 -10.49 2.20 -12.97
N GLY B 123 -9.31 2.17 -12.36
CA GLY B 123 -8.23 3.08 -12.69
C GLY B 123 -8.25 4.44 -12.03
N PHE B 124 -9.05 4.61 -10.98
CA PHE B 124 -9.27 5.93 -10.41
C PHE B 124 -8.32 6.30 -9.26
N TYR B 125 -8.19 7.60 -9.03
CA TYR B 125 -7.44 8.14 -7.89
C TYR B 125 -8.01 9.52 -7.58
N PRO B 126 -8.22 9.83 -6.29
CA PRO B 126 -7.93 9.03 -5.10
C PRO B 126 -8.95 7.92 -4.81
N GLY B 127 -8.86 7.33 -3.63
CA GLY B 127 -9.64 6.16 -3.30
C GLY B 127 -11.12 6.36 -3.02
N SER B 128 -11.48 7.51 -2.48
CA SER B 128 -12.86 7.75 -2.07
C SER B 128 -13.78 7.75 -3.28
N ILE B 129 -14.82 6.90 -3.23
CA ILE B 129 -15.72 6.78 -4.36
C ILE B 129 -17.08 6.29 -3.88
N GLU B 130 -18.13 6.63 -4.63
CA GLU B 130 -19.47 6.17 -4.29
C GLU B 130 -20.10 5.58 -5.53
N VAL B 131 -20.50 4.31 -5.43
CA VAL B 131 -21.10 3.63 -6.56
C VAL B 131 -22.50 3.17 -6.19
N ARG B 132 -23.49 3.52 -6.99
CA ARG B 132 -24.86 3.13 -6.71
CA ARG B 132 -24.88 3.20 -6.72
C ARG B 132 -25.54 2.54 -7.93
N TRP B 133 -26.51 1.66 -7.66
CA TRP B 133 -27.26 1.00 -8.72
C TRP B 133 -28.67 1.57 -8.80
N PHE B 134 -29.17 1.72 -10.02
CA PHE B 134 -30.54 2.15 -10.25
C PHE B 134 -31.25 1.21 -11.20
N ARG B 135 -32.55 1.02 -10.97
CA ARG B 135 -33.40 0.29 -11.91
C ARG B 135 -34.56 1.20 -12.28
N ASN B 136 -34.64 1.56 -13.56
CA ASN B 136 -35.62 2.53 -14.05
C ASN B 136 -35.63 3.83 -13.25
N GLY B 137 -34.44 4.32 -12.89
CA GLY B 137 -34.34 5.61 -12.22
C GLY B 137 -34.54 5.57 -10.72
N GLN B 138 -34.83 4.40 -10.17
CA GLN B 138 -34.99 4.23 -8.72
C GLN B 138 -33.79 3.48 -8.15
N GLU B 139 -33.22 3.98 -7.06
CA GLU B 139 -32.05 3.31 -6.50
C GLU B 139 -32.41 1.94 -5.94
N GLU B 140 -31.57 0.96 -6.26
CA GLU B 140 -31.71 -0.40 -5.76
C GLU B 140 -30.71 -0.56 -4.63
N LYS B 141 -31.22 -0.85 -3.43
CA LYS B 141 -30.35 -0.97 -2.26
C LYS B 141 -30.23 -2.42 -1.78
N THR B 142 -31.21 -3.23 -2.18
CA THR B 142 -31.22 -4.64 -1.80
C THR B 142 -30.38 -5.46 -2.76
N GLY B 143 -29.57 -6.37 -2.21
CA GLY B 143 -28.81 -7.30 -3.03
C GLY B 143 -27.59 -6.68 -3.68
N VAL B 144 -27.01 -5.67 -3.05
CA VAL B 144 -25.78 -5.07 -3.53
C VAL B 144 -24.59 -5.61 -2.75
N VAL B 145 -23.56 -6.04 -3.45
CA VAL B 145 -22.36 -6.59 -2.83
C VAL B 145 -21.15 -6.13 -3.66
N SER B 146 -19.99 -6.06 -3.04
CA SER B 146 -18.84 -5.44 -3.67
C SER B 146 -17.53 -6.09 -3.27
N THR B 147 -16.49 -5.87 -4.06
CA THR B 147 -15.13 -6.22 -3.67
C THR B 147 -14.61 -5.32 -2.57
N GLY B 148 -15.29 -4.18 -2.39
CA GLY B 148 -14.74 -3.11 -1.57
C GLY B 148 -13.72 -2.35 -2.39
N LEU B 149 -13.00 -1.43 -1.76
CA LEU B 149 -12.00 -0.63 -2.46
C LEU B 149 -10.71 -1.41 -2.60
N ILE B 150 -10.25 -1.58 -3.84
CA ILE B 150 -9.03 -2.33 -4.09
C ILE B 150 -7.91 -1.41 -4.57
N GLN B 151 -6.80 -1.41 -3.85
CA GLN B 151 -5.64 -0.61 -4.24
C GLN B 151 -4.79 -1.44 -5.21
N ASN B 152 -4.47 -0.87 -6.37
CA ASN B 152 -3.71 -1.60 -7.38
C ASN B 152 -2.20 -1.54 -7.17
N GLY B 153 -1.74 -0.65 -6.28
CA GLY B 153 -0.33 -0.56 -5.95
C GLY B 153 0.43 0.42 -6.82
N ASP B 154 -0.26 1.00 -7.79
CA ASP B 154 0.37 1.87 -8.78
C ASP B 154 -0.31 3.23 -8.88
N TRP B 155 -0.82 3.71 -7.75
CA TRP B 155 -1.55 4.98 -7.68
C TRP B 155 -2.86 4.95 -8.45
N THR B 156 -3.47 3.77 -8.56
CA THR B 156 -4.84 3.68 -9.03
C THR B 156 -5.59 2.69 -8.15
N PHE B 157 -6.92 2.81 -8.16
CA PHE B 157 -7.79 1.91 -7.43
C PHE B 157 -8.79 1.25 -8.39
N GLN B 158 -9.46 0.20 -7.92
CA GLN B 158 -10.62 -0.31 -8.64
C GLN B 158 -11.65 -0.84 -7.65
N THR B 159 -12.87 -1.04 -8.13
CA THR B 159 -13.88 -1.70 -7.32
C THR B 159 -14.92 -2.30 -8.24
N LEU B 160 -15.43 -3.48 -7.86
CA LEU B 160 -16.57 -4.04 -8.57
C LEU B 160 -17.77 -4.01 -7.63
N VAL B 161 -18.89 -3.50 -8.13
CA VAL B 161 -20.12 -3.45 -7.35
C VAL B 161 -21.18 -4.21 -8.12
N MET B 162 -21.68 -5.29 -7.53
CA MET B 162 -22.69 -6.17 -8.14
CA MET B 162 -22.71 -6.02 -8.24
C MET B 162 -24.09 -5.93 -7.63
N LEU B 163 -25.08 -6.10 -8.50
CA LEU B 163 -26.48 -6.06 -8.11
C LEU B 163 -27.04 -7.45 -8.37
N GLU B 164 -27.57 -8.06 -7.30
CA GLU B 164 -28.12 -9.40 -7.40
C GLU B 164 -29.55 -9.33 -7.90
N THR B 165 -29.71 -9.44 -9.21
CA THR B 165 -31.01 -9.34 -9.84
C THR B 165 -30.97 -10.08 -11.17
N VAL B 166 -32.13 -10.48 -11.66
CA VAL B 166 -32.22 -11.10 -12.98
C VAL B 166 -32.77 -10.06 -13.94
N PRO B 167 -31.94 -9.62 -14.91
CA PRO B 167 -32.36 -8.58 -15.85
C PRO B 167 -33.61 -8.97 -16.62
N ARG B 168 -34.54 -8.04 -16.76
CA ARG B 168 -35.75 -8.26 -17.55
C ARG B 168 -35.71 -7.37 -18.78
N SER B 169 -36.24 -7.86 -19.88
CA SER B 169 -36.42 -7.02 -21.06
C SER B 169 -37.27 -5.84 -20.69
N GLY B 170 -36.89 -4.66 -21.14
CA GLY B 170 -37.66 -3.45 -20.87
C GLY B 170 -37.14 -2.66 -19.70
N GLU B 171 -36.35 -3.29 -18.84
CA GLU B 171 -35.74 -2.62 -17.69
CA GLU B 171 -35.77 -2.59 -17.71
C GLU B 171 -34.50 -1.84 -18.12
N VAL B 172 -34.27 -0.69 -17.48
CA VAL B 172 -33.06 0.06 -17.71
C VAL B 172 -32.27 0.08 -16.41
N TYR B 173 -31.07 -0.48 -16.44
CA TYR B 173 -30.20 -0.48 -15.27
C TYR B 173 -29.11 0.57 -15.43
N THR B 174 -28.83 1.30 -14.36
CA THR B 174 -27.81 2.34 -14.41
C THR B 174 -26.85 2.21 -13.24
N CYS B 175 -25.56 2.17 -13.54
CA CYS B 175 -24.55 2.28 -12.49
C CYS B 175 -24.13 3.74 -12.43
N GLN B 176 -24.17 4.33 -11.23
CA GLN B 176 -23.80 5.74 -11.07
C GLN B 176 -22.57 5.87 -10.19
N VAL B 177 -21.60 6.66 -10.62
CA VAL B 177 -20.34 6.79 -9.91
C VAL B 177 -20.07 8.24 -9.53
N GLU B 178 -19.76 8.48 -8.26
CA GLU B 178 -19.35 9.81 -7.80
C GLU B 178 -17.92 9.72 -7.29
N HIS B 179 -17.10 10.68 -7.68
CA HIS B 179 -15.66 10.64 -7.40
C HIS B 179 -15.10 12.06 -7.51
N PRO B 180 -14.05 12.38 -6.73
CA PRO B 180 -13.52 13.75 -6.73
C PRO B 180 -13.02 14.24 -8.10
N SER B 181 -12.66 13.32 -8.99
CA SER B 181 -12.18 13.72 -10.32
C SER B 181 -13.32 14.16 -11.23
N LEU B 182 -14.55 13.91 -10.82
CA LEU B 182 -15.73 14.17 -11.64
C LEU B 182 -16.48 15.40 -11.14
N THR B 183 -17.09 16.15 -12.06
CA THR B 183 -17.85 17.33 -11.66
C THR B 183 -19.35 17.05 -11.58
N SER B 184 -19.74 15.87 -12.02
CA SER B 184 -21.13 15.42 -11.89
C SER B 184 -21.08 13.90 -11.95
N PRO B 185 -22.14 13.23 -11.50
CA PRO B 185 -22.06 11.76 -11.50
C PRO B 185 -21.85 11.17 -12.89
N LEU B 186 -21.02 10.15 -12.97
CA LEU B 186 -20.81 9.39 -14.19
C LEU B 186 -21.80 8.24 -14.20
N THR B 187 -22.60 8.14 -15.26
CA THR B 187 -23.60 7.08 -15.34
C THR B 187 -23.38 6.19 -16.54
N VAL B 188 -23.54 4.89 -16.34
CA VAL B 188 -23.51 3.94 -17.44
C VAL B 188 -24.80 3.13 -17.41
N GLU B 189 -25.55 3.17 -18.51
CA GLU B 189 -26.80 2.42 -18.61
C GLU B 189 -26.57 1.06 -19.25
N TRP B 190 -27.41 0.10 -18.87
CA TRP B 190 -27.32 -1.24 -19.44
C TRP B 190 -28.73 -1.79 -19.59
N ARG B 191 -28.99 -2.44 -20.73
CA ARG B 191 -30.31 -3.04 -20.99
C ARG B 191 -30.15 -4.49 -21.43
N ALA B 192 -31.09 -5.35 -21.04
CA ALA B 192 -31.01 -6.76 -21.38
C ALA B 192 -31.09 -7.01 -22.90
N THR B 193 -31.84 -6.16 -23.61
CA THR B 193 -31.95 -6.31 -25.05
C THR B 193 -31.19 -5.21 -25.81
N GLY B 194 -30.20 -4.62 -25.15
CA GLY B 194 -29.38 -3.59 -25.77
C GLY B 194 -28.45 -4.15 -26.83
N SER C 1 11.90 20.68 -6.35
CA SER C 1 12.32 20.81 -4.95
C SER C 1 12.74 19.48 -4.35
N ALA C 2 13.49 19.54 -3.26
CA ALA C 2 14.07 18.36 -2.65
C ALA C 2 13.28 17.87 -1.44
N VAL C 3 12.93 16.60 -1.45
CA VAL C 3 12.30 15.98 -0.29
C VAL C 3 13.35 15.85 0.81
N ARG C 4 12.98 16.19 2.05
CA ARG C 4 13.87 16.06 3.18
C ARG C 4 13.63 14.79 3.96
N LEU C 5 14.70 14.11 4.35
CA LEU C 5 14.54 12.96 5.23
C LEU C 5 14.58 13.40 6.68
N ARG C 6 13.90 12.63 7.52
CA ARG C 6 13.98 12.78 8.96
C ARG C 6 14.95 11.72 9.45
N SER C 7 15.92 12.12 10.27
CA SER C 7 16.89 11.18 10.80
CA SER C 7 16.88 11.15 10.78
C SER C 7 16.26 10.23 11.81
N SER C 8 16.81 9.03 11.93
CA SER C 8 16.40 8.09 12.95
C SER C 8 17.38 8.26 14.10
N VAL C 9 16.86 8.32 15.32
CA VAL C 9 17.69 8.63 16.48
C VAL C 9 18.38 7.37 17.01
N PRO C 10 19.69 7.46 17.30
CA PRO C 10 20.39 6.31 17.87
C PRO C 10 19.96 6.04 19.31
N GLY C 11 19.65 4.77 19.60
CA GLY C 11 19.18 4.40 20.92
C GLY C 11 20.30 4.24 21.92
N VAL C 12 19.93 4.02 23.18
CA VAL C 12 20.89 3.82 24.26
C VAL C 12 21.45 2.42 24.27
N ARG C 13 22.77 2.31 24.22
CA ARG C 13 23.44 1.03 24.26
C ARG C 13 23.24 0.33 25.60
#